data_5CT3
#
_entry.id   5CT3
#
_cell.length_a   53.225
_cell.length_b   63.078
_cell.length_c   57.275
_cell.angle_alpha   90.00
_cell.angle_beta   95.06
_cell.angle_gamma   90.00
#
_symmetry.space_group_name_H-M   'P 1 21 1'
#
loop_
_entity.id
_entity.type
_entity.pdbx_description
1 polymer 'Hepatocyte growth factor'
2 non-polymer '3-hydroxypropane-1-sulfonic acid'
3 water water
#
_entity_poly.entity_id   1
_entity_poly.type   'polypeptide(L)'
_entity_poly.pdbx_seq_one_letter_code
;YVEGQRKRRNTIHEFKKSAKTTLIKIDPALKIKTKKVNTADQCANRCTRNKGLPFTCKAFVFDKARKQCLWFPFNSMSSG
VKKEFGHEFDLYENKDYIRNCIIGKGRSYKGTVSITKSGIKCQPWSSMIPHEHSFLPSSYRGKDLQENYCRNPRGEEGGP
WCFTSNPEVRYEVCDIPQCSEVE
;
_entity_poly.pdbx_strand_id   A,B
#
# COMPACT_ATOMS: atom_id res chain seq x y z
N THR A 11 -6.43 -0.29 -12.95
CA THR A 11 -5.70 0.74 -12.15
C THR A 11 -6.50 1.24 -10.93
N ILE A 12 -7.83 1.19 -11.03
CA ILE A 12 -8.74 1.74 -10.04
C ILE A 12 -8.79 0.93 -8.72
N HIS A 13 -8.25 -0.29 -8.73
CA HIS A 13 -8.30 -1.19 -7.58
C HIS A 13 -7.11 -1.03 -6.63
N GLU A 14 -6.18 -0.14 -6.98
CA GLU A 14 -5.14 0.26 -6.02
C GLU A 14 -5.51 1.55 -5.27
N PHE A 15 -6.81 1.84 -5.33
CA PHE A 15 -7.43 2.92 -4.58
C PHE A 15 -8.51 2.38 -3.67
N LYS A 16 -8.59 2.98 -2.48
CA LYS A 16 -9.71 2.77 -1.59
C LYS A 16 -10.82 3.75 -1.99
N LYS A 17 -11.99 3.20 -2.31
CA LYS A 17 -13.16 4.00 -2.72
C LYS A 17 -14.08 4.34 -1.54
N SER A 18 -14.43 5.62 -1.42
CA SER A 18 -15.43 6.07 -0.46
C SER A 18 -16.57 6.71 -1.25
N ALA A 19 -17.72 6.05 -1.27
CA ALA A 19 -18.86 6.51 -2.07
C ALA A 19 -19.45 7.81 -1.52
N LYS A 20 -20.05 8.60 -2.40
CA LYS A 20 -20.75 9.83 -2.00
C LYS A 20 -19.90 10.79 -1.20
N THR A 21 -18.61 10.86 -1.55
CA THR A 21 -17.69 11.66 -0.77
C THR A 21 -16.78 12.48 -1.66
N THR A 22 -16.55 13.72 -1.28
CA THR A 22 -15.51 14.50 -1.90
C THR A 22 -14.66 15.08 -0.80
N LEU A 23 -13.63 15.84 -1.19
CA LEU A 23 -12.74 16.54 -0.26
C LEU A 23 -12.66 18.01 -0.61
N ILE A 24 -12.57 18.87 0.41
CA ILE A 24 -12.39 20.31 0.24
C ILE A 24 -11.11 20.80 0.92
N LYS A 25 -10.29 21.56 0.20
CA LYS A 25 -9.04 22.08 0.75
C LYS A 25 -9.23 23.44 1.44
N ILE A 26 -8.89 23.50 2.73
CA ILE A 26 -9.02 24.75 3.50
C ILE A 26 -7.76 25.61 3.38
N ASP A 27 -6.63 24.97 3.13
CA ASP A 27 -5.38 25.64 2.81
C ASP A 27 -5.35 25.87 1.28
N PRO A 28 -5.47 27.15 0.86
CA PRO A 28 -5.64 27.48 -0.57
C PRO A 28 -4.37 27.23 -1.41
N ALA A 29 -3.23 27.07 -0.75
CA ALA A 29 -1.95 26.88 -1.43
C ALA A 29 -1.73 25.44 -1.94
N LEU A 30 -2.63 24.53 -1.56
CA LEU A 30 -2.57 23.14 -2.01
C LEU A 30 -3.00 23.02 -3.47
N LYS A 31 -2.16 22.37 -4.27
CA LYS A 31 -2.41 22.21 -5.71
C LYS A 31 -3.61 21.31 -6.00
N ILE A 32 -4.29 21.61 -7.09
CA ILE A 32 -5.39 20.79 -7.59
C ILE A 32 -5.30 20.81 -9.10
N LYS A 33 -5.78 19.75 -9.74
CA LYS A 33 -5.92 19.71 -11.18
C LYS A 33 -7.24 19.04 -11.51
N THR A 34 -7.98 19.61 -12.45
CA THR A 34 -9.26 19.05 -12.86
C THR A 34 -9.33 18.94 -14.39
N LYS A 35 -10.11 17.98 -14.86
CA LYS A 35 -10.37 17.82 -16.30
C LYS A 35 -11.65 17.02 -16.48
N LYS A 36 -12.49 17.46 -17.42
CA LYS A 36 -13.64 16.64 -17.83
C LYS A 36 -13.15 15.38 -18.54
N VAL A 37 -13.70 14.25 -18.15
CA VAL A 37 -13.28 12.94 -18.64
C VAL A 37 -14.57 12.15 -18.96
N ASN A 38 -14.46 10.86 -19.21
CA ASN A 38 -15.65 10.04 -19.43
C ASN A 38 -16.04 9.19 -18.22
N THR A 39 -15.03 8.53 -17.63
CA THR A 39 -15.23 7.62 -16.51
C THR A 39 -14.17 7.80 -15.40
N ALA A 40 -14.44 7.19 -14.24
CA ALA A 40 -13.54 7.25 -13.07
C ALA A 40 -12.26 6.45 -13.28
N ASP A 41 -12.35 5.41 -14.10
CA ASP A 41 -11.19 4.62 -14.50
C ASP A 41 -10.10 5.47 -15.16
N GLN A 42 -10.52 6.45 -15.96
CA GLN A 42 -9.60 7.36 -16.64
C GLN A 42 -8.90 8.31 -15.67
N CYS A 43 -9.61 8.74 -14.62
CA CYS A 43 -8.97 9.50 -13.53
C CYS A 43 -7.91 8.66 -12.84
N ALA A 44 -8.23 7.40 -12.59
CA ALA A 44 -7.35 6.47 -11.90
C ALA A 44 -6.05 6.27 -12.67
N ASN A 45 -6.20 6.12 -13.98
CA ASN A 45 -5.07 5.94 -14.88
C ASN A 45 -4.12 7.11 -14.85
N ARG A 46 -4.65 8.32 -15.03
CA ARG A 46 -3.83 9.53 -14.94
C ARG A 46 -3.19 9.69 -13.55
N CYS A 47 -3.93 9.36 -12.50
CA CYS A 47 -3.39 9.38 -11.14
C CYS A 47 -2.24 8.39 -10.92
N THR A 48 -2.45 7.12 -11.25
CA THR A 48 -1.40 6.08 -11.16
C THR A 48 -0.17 6.44 -11.98
N ARG A 49 -0.36 6.88 -13.22
CA ARG A 49 0.75 7.24 -14.09
C ARG A 49 1.38 8.58 -13.71
N ASN A 50 0.60 9.44 -13.06
CA ASN A 50 1.04 10.75 -12.56
C ASN A 50 1.60 11.66 -13.66
N LYS A 51 1.12 11.48 -14.89
CA LYS A 51 1.56 12.30 -16.02
C LYS A 51 0.73 13.58 -16.10
N GLY A 52 1.41 14.71 -16.30
CA GLY A 52 0.74 16.00 -16.44
C GLY A 52 0.21 16.59 -15.14
N LEU A 53 0.64 16.04 -14.02
CA LEU A 53 0.25 16.54 -12.71
C LEU A 53 1.49 17.09 -12.00
N PRO A 54 1.47 18.39 -11.65
CA PRO A 54 2.61 19.03 -11.00
C PRO A 54 2.72 18.73 -9.49
N PHE A 55 2.39 17.50 -9.09
CA PHE A 55 2.40 17.07 -7.70
C PHE A 55 2.30 15.56 -7.66
N THR A 56 2.46 14.97 -6.48
CA THR A 56 2.20 13.55 -6.28
C THR A 56 0.70 13.30 -6.11
N CYS A 57 0.10 12.52 -7.01
CA CYS A 57 -1.33 12.21 -6.91
C CYS A 57 -1.59 11.17 -5.83
N LYS A 58 -2.23 11.61 -4.74
CA LYS A 58 -2.49 10.74 -3.60
C LYS A 58 -3.95 10.36 -3.53
N ALA A 59 -4.78 11.08 -4.28
CA ALA A 59 -6.20 10.76 -4.35
C ALA A 59 -6.85 11.52 -5.50
N PHE A 60 -8.02 11.06 -5.90
CA PHE A 60 -8.83 11.85 -6.82
C PHE A 60 -10.30 11.65 -6.48
N VAL A 61 -11.12 12.60 -6.94
CA VAL A 61 -12.56 12.46 -6.89
C VAL A 61 -13.06 12.40 -8.34
N PHE A 62 -14.05 11.54 -8.59
CA PHE A 62 -14.82 11.57 -9.83
C PHE A 62 -16.21 12.16 -9.57
N ASP A 63 -16.49 13.29 -10.22
CA ASP A 63 -17.80 13.93 -10.25
C ASP A 63 -18.61 13.25 -11.34
N LYS A 64 -19.49 12.33 -10.94
CA LYS A 64 -20.31 11.54 -11.86
C LYS A 64 -21.35 12.35 -12.66
N ALA A 65 -21.78 13.47 -12.09
CA ALA A 65 -22.72 14.38 -12.74
C ALA A 65 -22.05 15.15 -13.88
N ARG A 66 -20.90 15.74 -13.58
CA ARG A 66 -20.16 16.54 -14.57
C ARG A 66 -19.11 15.72 -15.34
N LYS A 67 -18.92 14.47 -14.96
CA LYS A 67 -17.87 13.60 -15.52
C LYS A 67 -16.47 14.23 -15.45
N GLN A 68 -16.15 14.80 -14.29
CA GLN A 68 -14.91 15.52 -14.06
C GLN A 68 -14.02 14.81 -13.04
N CYS A 69 -12.73 14.66 -13.38
CA CYS A 69 -11.72 14.23 -12.42
C CYS A 69 -11.19 15.43 -11.65
N LEU A 70 -11.04 15.26 -10.34
CA LEU A 70 -10.32 16.21 -9.51
C LEU A 70 -9.17 15.45 -8.87
N TRP A 71 -7.94 15.78 -9.26
CA TRP A 71 -6.75 15.06 -8.77
C TRP A 71 -6.11 15.86 -7.66
N PHE A 72 -5.73 15.18 -6.57
CA PHE A 72 -5.21 15.86 -5.39
C PHE A 72 -3.84 15.37 -4.97
N PRO A 73 -2.99 16.26 -4.43
CA PRO A 73 -1.79 15.85 -3.71
C PRO A 73 -2.06 15.65 -2.22
N PHE A 74 -3.29 15.24 -1.88
CA PHE A 74 -3.69 14.98 -0.50
C PHE A 74 -4.80 13.95 -0.48
N ASN A 75 -5.15 13.49 0.72
CA ASN A 75 -6.26 12.55 0.88
C ASN A 75 -7.07 12.92 2.13
N SER A 76 -7.97 12.06 2.58
CA SER A 76 -8.83 12.40 3.73
C SER A 76 -8.13 12.45 5.10
N MET A 77 -6.86 12.05 5.18
CA MET A 77 -6.13 12.05 6.45
C MET A 77 -5.16 13.24 6.52
N SER A 78 -5.11 14.00 5.43
CA SER A 78 -4.22 15.14 5.33
C SER A 78 -4.78 16.27 6.19
N SER A 79 -3.90 16.93 6.94
CA SER A 79 -4.33 17.98 7.87
C SER A 79 -5.03 19.12 7.12
N GLY A 80 -6.25 19.43 7.54
CA GLY A 80 -7.03 20.51 6.93
C GLY A 80 -7.64 20.18 5.57
N VAL A 81 -8.33 19.04 5.48
CA VAL A 81 -9.12 18.72 4.30
C VAL A 81 -10.52 18.28 4.73
N LYS A 82 -11.52 18.96 4.18
CA LYS A 82 -12.90 18.70 4.58
C LYS A 82 -13.53 17.58 3.75
N LYS A 83 -13.64 16.41 4.36
CA LYS A 83 -14.43 15.31 3.82
C LYS A 83 -15.91 15.72 3.87
N GLU A 84 -16.58 15.69 2.73
CA GLU A 84 -18.00 16.08 2.65
C GLU A 84 -18.85 15.12 1.83
N PHE A 85 -20.10 14.92 2.27
CA PHE A 85 -21.09 14.16 1.51
C PHE A 85 -21.47 14.89 0.23
N GLY A 86 -21.65 14.11 -0.83
CA GLY A 86 -22.20 14.60 -2.10
C GLY A 86 -22.54 13.39 -2.93
N HIS A 87 -23.81 13.26 -3.31
CA HIS A 87 -24.32 12.05 -3.99
C HIS A 87 -23.66 11.79 -5.36
N GLU A 88 -23.15 12.85 -5.98
CA GLU A 88 -22.52 12.74 -7.31
C GLU A 88 -21.00 12.51 -7.29
N PHE A 89 -20.40 12.47 -6.10
CA PHE A 89 -18.94 12.26 -5.99
C PHE A 89 -18.59 10.89 -5.48
N ASP A 90 -17.50 10.33 -6.00
CA ASP A 90 -16.82 9.20 -5.38
C ASP A 90 -15.38 9.61 -5.12
N LEU A 91 -14.89 9.31 -3.93
CA LEU A 91 -13.50 9.58 -3.57
C LEU A 91 -12.69 8.31 -3.71
N TYR A 92 -11.49 8.44 -4.28
CA TYR A 92 -10.58 7.32 -4.51
C TYR A 92 -9.24 7.70 -3.94
N GLU A 93 -8.80 6.95 -2.94
CA GLU A 93 -7.55 7.27 -2.26
C GLU A 93 -6.50 6.24 -2.60
N ASN A 94 -5.34 6.72 -3.04
CA ASN A 94 -4.21 5.89 -3.47
C ASN A 94 -3.68 5.16 -2.22
N LYS A 95 -3.68 3.83 -2.26
CA LYS A 95 -3.31 3.00 -1.09
C LYS A 95 -1.89 3.24 -0.58
N ASP A 96 -0.99 3.72 -1.44
CA ASP A 96 0.36 4.08 -1.03
C ASP A 96 0.39 5.20 0.02
N TYR A 97 -0.75 5.87 0.19
CA TYR A 97 -0.77 7.02 1.09
C TYR A 97 -1.76 6.87 2.25
N ILE A 98 -2.34 5.68 2.39
CA ILE A 98 -3.15 5.35 3.54
C ILE A 98 -2.25 4.47 4.41
N ARG A 99 -1.96 4.93 5.61
CA ARG A 99 -1.02 4.26 6.50
C ARG A 99 -1.36 2.78 6.64
N ASN A 100 -0.42 1.91 6.28
CA ASN A 100 -0.69 0.47 6.26
C ASN A 100 -0.14 -0.26 7.47
N CYS A 101 0.21 0.50 8.49
CA CYS A 101 0.67 -0.08 9.74
C CYS A 101 -0.12 0.55 10.87
N ILE A 102 -0.08 -0.11 12.02
CA ILE A 102 -0.88 0.34 13.13
C ILE A 102 -0.11 1.05 14.22
N ILE A 103 -0.72 2.11 14.74
CA ILE A 103 -0.26 2.82 15.93
C ILE A 103 -1.10 2.40 17.14
N GLY A 104 -0.42 2.02 18.22
CA GLY A 104 -1.11 1.54 19.41
C GLY A 104 -1.93 0.32 19.06
N LYS A 105 -3.24 0.41 19.35
CA LYS A 105 -4.21 -0.65 19.08
C LYS A 105 -4.89 -0.54 17.72
N GLY A 106 -4.58 0.48 16.93
CA GLY A 106 -5.11 0.57 15.57
C GLY A 106 -6.53 1.11 15.50
N ARG A 107 -6.88 1.92 16.51
CA ARG A 107 -8.14 2.65 16.54
C ARG A 107 -8.27 3.50 15.27
N SER A 108 -7.14 4.02 14.81
CA SER A 108 -7.16 4.91 13.65
C SER A 108 -6.86 4.20 12.32
N TYR A 109 -6.81 2.86 12.31
CA TYR A 109 -6.51 2.14 11.07
C TYR A 109 -7.63 2.30 10.04
N LYS A 110 -7.26 2.75 8.83
CA LYS A 110 -8.20 2.98 7.74
C LYS A 110 -7.75 2.33 6.41
N GLY A 111 -6.78 1.44 6.49
CA GLY A 111 -6.34 0.68 5.32
C GLY A 111 -7.38 -0.32 4.84
N THR A 112 -7.04 -1.07 3.79
CA THR A 112 -8.02 -1.90 3.08
C THR A 112 -7.82 -3.42 3.27
N VAL A 113 -7.00 -3.81 4.24
CA VAL A 113 -6.82 -5.24 4.58
C VAL A 113 -8.15 -5.84 5.06
N SER A 114 -8.55 -6.95 4.45
CA SER A 114 -9.84 -7.58 4.70
C SER A 114 -9.73 -9.08 4.97
N ILE A 115 -8.60 -9.51 5.51
CA ILE A 115 -8.31 -10.92 5.74
C ILE A 115 -7.83 -11.10 7.20
N THR A 116 -8.34 -12.13 7.90
CA THR A 116 -7.93 -12.39 9.29
C THR A 116 -6.53 -13.01 9.36
N LYS A 117 -5.96 -13.10 10.57
CA LYS A 117 -4.63 -13.68 10.75
C LYS A 117 -4.52 -15.16 10.25
N SER A 118 -5.63 -15.90 10.32
CA SER A 118 -5.63 -17.29 9.86
C SER A 118 -6.11 -17.39 8.40
N GLY A 119 -6.22 -16.24 7.74
CA GLY A 119 -6.45 -16.16 6.30
C GLY A 119 -7.89 -16.21 5.84
N ILE A 120 -8.82 -16.01 6.77
CA ILE A 120 -10.24 -16.03 6.43
C ILE A 120 -10.68 -14.65 5.90
N LYS A 121 -11.45 -14.64 4.81
CA LYS A 121 -12.03 -13.39 4.31
C LYS A 121 -13.00 -12.82 5.33
N CYS A 122 -12.83 -11.54 5.68
CA CYS A 122 -13.76 -10.85 6.59
C CYS A 122 -15.19 -10.79 6.05
N GLN A 123 -16.14 -10.76 6.98
CA GLN A 123 -17.54 -10.49 6.70
C GLN A 123 -17.74 -8.97 6.61
N PRO A 124 -18.50 -8.50 5.59
CA PRO A 124 -18.89 -7.09 5.52
C PRO A 124 -19.56 -6.62 6.81
N TRP A 125 -19.22 -5.40 7.23
CA TRP A 125 -19.76 -4.82 8.46
C TRP A 125 -21.28 -4.63 8.43
N SER A 126 -21.83 -4.46 7.23
CA SER A 126 -23.26 -4.24 7.05
C SER A 126 -24.05 -5.55 6.92
N SER A 127 -23.36 -6.64 6.59
CA SER A 127 -23.96 -7.98 6.54
C SER A 127 -24.23 -8.54 7.93
N MET A 128 -25.17 -9.48 8.02
CA MET A 128 -25.46 -10.18 9.27
C MET A 128 -25.33 -11.70 9.06
N ILE A 129 -24.69 -12.09 7.95
CA ILE A 129 -24.44 -13.49 7.61
C ILE A 129 -22.93 -13.68 7.38
N PRO A 130 -22.31 -14.69 8.01
CA PRO A 130 -22.90 -15.65 8.95
C PRO A 130 -23.21 -15.09 10.33
N HIS A 131 -22.59 -13.97 10.70
CA HIS A 131 -22.64 -13.50 12.08
C HIS A 131 -23.47 -12.23 12.30
N GLU A 132 -24.32 -12.29 13.32
CA GLU A 132 -25.18 -11.18 13.72
C GLU A 132 -24.45 -10.36 14.78
N HIS A 133 -24.57 -9.03 14.68
CA HIS A 133 -23.76 -8.13 15.49
C HIS A 133 -24.36 -6.73 15.53
N SER A 134 -23.88 -5.92 16.49
CA SER A 134 -24.35 -4.55 16.67
C SER A 134 -23.31 -3.50 16.26
N PHE A 135 -22.29 -3.93 15.51
CA PHE A 135 -21.25 -3.03 14.97
C PHE A 135 -21.65 -2.47 13.60
N LEU A 136 -22.77 -1.75 13.57
CA LEU A 136 -23.30 -1.14 12.35
C LEU A 136 -22.54 0.15 12.03
N PRO A 137 -22.27 0.40 10.73
CA PRO A 137 -21.68 1.66 10.26
C PRO A 137 -22.32 2.92 10.86
N SER A 138 -23.65 3.04 10.75
CA SER A 138 -24.38 4.23 11.20
C SER A 138 -24.09 4.64 12.65
N SER A 139 -24.04 3.66 13.54
CA SER A 139 -23.77 3.90 14.96
C SER A 139 -22.27 3.91 15.30
N TYR A 140 -21.44 3.96 14.24
CA TYR A 140 -20.00 4.14 14.40
C TYR A 140 -19.47 5.11 13.34
N ARG A 141 -19.89 6.38 13.44
CA ARG A 141 -19.42 7.43 12.54
C ARG A 141 -17.96 7.74 12.85
N GLY A 142 -17.20 8.01 11.79
CA GLY A 142 -15.76 8.25 11.90
C GLY A 142 -14.92 6.98 12.00
N LYS A 143 -15.57 5.83 12.18
CA LYS A 143 -14.88 4.55 12.40
C LYS A 143 -14.54 3.80 11.10
N ASP A 144 -15.14 4.24 10.00
CA ASP A 144 -14.94 3.65 8.68
C ASP A 144 -15.23 2.14 8.69
N LEU A 145 -16.35 1.77 9.31
CA LEU A 145 -16.87 0.39 9.23
C LEU A 145 -17.49 0.16 7.87
N GLN A 146 -16.63 0.22 6.87
CA GLN A 146 -16.93 0.20 5.45
C GLN A 146 -16.51 -1.17 4.92
N GLU A 147 -17.14 -1.60 3.82
CA GLU A 147 -16.87 -2.92 3.21
C GLU A 147 -16.62 -4.02 4.26
N ASN A 148 -15.62 -4.86 4.01
CA ASN A 148 -15.21 -5.89 4.98
C ASN A 148 -13.78 -5.66 5.49
N TYR A 149 -13.43 -4.39 5.70
CA TYR A 149 -12.11 -4.01 6.19
C TYR A 149 -11.90 -4.37 7.66
N CYS A 150 -10.67 -4.77 7.98
CA CYS A 150 -10.27 -4.97 9.36
C CYS A 150 -10.31 -3.64 10.07
N ARG A 151 -11.00 -3.59 11.22
CA ARG A 151 -11.19 -2.34 11.96
C ARG A 151 -11.09 -2.56 13.47
N ASN A 152 -10.76 -1.51 14.21
CA ASN A 152 -10.75 -1.57 15.68
C ASN A 152 -11.51 -0.40 16.33
N PRO A 153 -12.85 -0.37 16.16
CA PRO A 153 -13.69 0.77 16.59
C PRO A 153 -13.68 1.12 18.09
N ARG A 154 -13.39 0.15 18.94
CA ARG A 154 -13.41 0.35 20.40
C ARG A 154 -12.00 0.30 21.02
N GLY A 155 -10.98 0.34 20.17
CA GLY A 155 -9.59 0.34 20.63
C GLY A 155 -9.22 -0.87 21.47
N GLU A 156 -9.66 -2.04 21.02
CA GLU A 156 -9.47 -3.28 21.76
C GLU A 156 -8.09 -3.91 21.57
N GLU A 157 -7.65 -4.66 22.58
CA GLU A 157 -6.26 -5.13 22.73
C GLU A 157 -5.51 -5.59 21.48
N GLY A 158 -6.06 -6.59 20.79
CA GLY A 158 -5.33 -7.24 19.70
C GLY A 158 -5.29 -6.53 18.35
N GLY A 159 -5.84 -5.32 18.28
CA GLY A 159 -5.79 -4.51 17.04
C GLY A 159 -6.99 -4.72 16.12
N PRO A 160 -6.91 -4.23 14.86
CA PRO A 160 -7.99 -4.44 13.90
C PRO A 160 -8.36 -5.91 13.71
N TRP A 161 -9.67 -6.12 13.55
CA TRP A 161 -10.29 -7.44 13.55
C TRP A 161 -11.50 -7.34 12.65
N CYS A 162 -12.18 -8.47 12.46
CA CYS A 162 -13.45 -8.45 11.74
C CYS A 162 -14.27 -9.68 12.05
N PHE A 163 -15.57 -9.55 11.82
CA PHE A 163 -16.40 -10.73 11.74
C PHE A 163 -15.96 -11.48 10.49
N THR A 164 -15.96 -12.81 10.62
CA THR A 164 -15.34 -13.71 9.68
C THR A 164 -16.42 -14.32 8.77
N SER A 165 -16.10 -14.53 7.50
CA SER A 165 -17.00 -15.24 6.59
C SER A 165 -17.13 -16.76 6.90
N ASN A 166 -16.32 -17.26 7.83
CA ASN A 166 -16.42 -18.65 8.30
C ASN A 166 -17.43 -18.73 9.44
N PRO A 167 -18.53 -19.47 9.24
CA PRO A 167 -19.56 -19.61 10.28
C PRO A 167 -19.03 -20.19 11.59
N GLU A 168 -17.90 -20.90 11.54
CA GLU A 168 -17.29 -21.52 12.72
C GLU A 168 -16.44 -20.54 13.54
N VAL A 169 -16.11 -19.39 12.95
CA VAL A 169 -15.25 -18.41 13.62
C VAL A 169 -15.97 -17.06 13.62
N ARG A 170 -16.55 -16.68 14.76
CA ARG A 170 -17.35 -15.45 14.84
C ARG A 170 -16.53 -14.24 14.38
N TYR A 171 -15.35 -14.08 14.98
CA TYR A 171 -14.48 -12.97 14.67
C TYR A 171 -13.04 -13.38 14.98
N GLU A 172 -12.10 -12.69 14.34
CA GLU A 172 -10.68 -12.91 14.57
C GLU A 172 -9.92 -11.63 14.22
N VAL A 173 -8.82 -11.38 14.92
CA VAL A 173 -7.94 -10.30 14.55
C VAL A 173 -7.31 -10.55 13.19
N CYS A 174 -6.96 -9.45 12.54
CA CYS A 174 -6.21 -9.48 11.31
C CYS A 174 -4.75 -9.40 11.68
N ASP A 175 -3.88 -9.37 10.70
CA ASP A 175 -2.44 -9.48 10.93
C ASP A 175 -1.76 -8.20 10.40
N ILE A 176 -2.25 -7.04 10.83
CA ILE A 176 -1.71 -5.76 10.35
C ILE A 176 -0.55 -5.39 11.27
N PRO A 177 0.64 -5.18 10.69
CA PRO A 177 1.80 -4.93 11.53
C PRO A 177 1.74 -3.61 12.28
N GLN A 178 2.34 -3.60 13.47
CA GLN A 178 2.66 -2.35 14.15
C GLN A 178 3.62 -1.53 13.30
N CYS A 179 3.45 -0.21 13.29
CA CYS A 179 4.45 0.63 12.64
C CYS A 179 5.84 0.46 13.26
N SER A 180 5.89 -0.04 14.51
CA SER A 180 7.17 -0.24 15.22
C SER A 180 7.76 -1.64 15.02
N GLU A 181 7.12 -2.46 14.20
CA GLU A 181 7.56 -3.84 13.99
C GLU A 181 8.86 -3.94 13.22
N VAL A 182 9.02 -3.12 12.21
CA VAL A 182 10.18 -3.13 11.33
C VAL A 182 11.00 -1.90 11.64
N GLU A 183 12.33 -2.02 11.57
CA GLU A 183 13.23 -0.88 11.71
C GLU A 183 12.97 0.15 10.63
N ASN B 10 -5.46 -9.91 -13.17
CA ASN B 10 -3.97 -9.99 -13.02
C ASN B 10 -3.46 -8.87 -12.11
N THR B 11 -3.05 -9.28 -10.92
CA THR B 11 -2.68 -8.37 -9.84
C THR B 11 -1.16 -8.30 -9.63
N ILE B 12 -0.40 -8.94 -10.52
CA ILE B 12 1.05 -9.06 -10.35
C ILE B 12 1.81 -7.73 -10.31
N HIS B 13 1.43 -6.81 -11.19
CA HIS B 13 2.03 -5.48 -11.22
C HIS B 13 1.79 -4.69 -9.91
N GLU B 14 0.88 -5.19 -9.07
CA GLU B 14 0.60 -4.59 -7.75
C GLU B 14 1.62 -4.93 -6.65
N PHE B 15 2.54 -5.85 -6.92
CA PHE B 15 3.51 -6.30 -5.91
C PHE B 15 4.84 -5.64 -6.15
N LYS B 16 5.65 -5.51 -5.09
CA LYS B 16 7.03 -5.05 -5.24
C LYS B 16 7.90 -6.26 -5.60
N LYS B 17 8.55 -6.21 -6.75
CA LYS B 17 9.28 -7.37 -7.24
C LYS B 17 10.77 -7.27 -6.97
N SER B 18 11.36 -8.37 -6.46
CA SER B 18 12.81 -8.47 -6.30
C SER B 18 13.32 -9.67 -7.08
N ALA B 19 14.02 -9.40 -8.18
CA ALA B 19 14.53 -10.47 -9.06
C ALA B 19 15.57 -11.36 -8.38
N LYS B 20 15.61 -12.63 -8.78
CA LYS B 20 16.62 -13.60 -8.37
C LYS B 20 16.70 -13.79 -6.84
N THR B 21 15.52 -13.78 -6.21
CA THR B 21 15.42 -13.82 -4.76
C THR B 21 14.28 -14.70 -4.32
N THR B 22 14.55 -15.54 -3.33
CA THR B 22 13.52 -16.21 -2.56
C THR B 22 13.75 -15.88 -1.08
N LEU B 23 12.86 -16.36 -0.21
CA LEU B 23 12.99 -16.16 1.23
C LEU B 23 13.07 -17.53 1.91
N ILE B 24 13.93 -17.65 2.92
CA ILE B 24 14.10 -18.87 3.72
C ILE B 24 13.70 -18.61 5.17
N LYS B 25 13.08 -19.61 5.80
CA LYS B 25 12.81 -19.62 7.24
C LYS B 25 14.07 -19.94 8.04
N ILE B 26 14.37 -19.12 9.04
CA ILE B 26 15.31 -19.51 10.08
C ILE B 26 14.48 -20.27 11.13
N ASP B 27 13.36 -19.64 11.51
CA ASP B 27 12.34 -20.24 12.36
C ASP B 27 11.68 -21.42 11.67
N PRO B 28 11.82 -22.63 12.22
CA PRO B 28 11.10 -23.77 11.64
C PRO B 28 9.61 -23.62 11.88
N ALA B 29 9.26 -22.81 12.89
CA ALA B 29 7.89 -22.56 13.30
C ALA B 29 7.04 -21.90 12.20
N LEU B 30 7.62 -20.95 11.47
CA LEU B 30 6.92 -20.22 10.42
C LEU B 30 6.38 -21.14 9.31
N LYS B 31 5.25 -20.75 8.72
CA LYS B 31 4.55 -21.61 7.78
C LYS B 31 4.63 -21.11 6.34
N ILE B 32 4.65 -22.07 5.42
CA ILE B 32 4.74 -21.82 3.98
C ILE B 32 3.70 -22.67 3.25
N LYS B 33 3.14 -22.15 2.15
CA LYS B 33 2.29 -22.95 1.28
C LYS B 33 2.86 -22.95 -0.13
N THR B 34 2.90 -24.13 -0.76
CA THR B 34 3.43 -24.27 -2.12
C THR B 34 2.44 -24.97 -3.04
N LYS B 35 2.51 -24.62 -4.33
CA LYS B 35 1.71 -25.29 -5.34
C LYS B 35 2.37 -25.17 -6.71
N LYS B 36 2.39 -26.28 -7.45
CA LYS B 36 2.83 -26.30 -8.83
C LYS B 36 1.79 -25.58 -9.71
N VAL B 37 2.28 -24.72 -10.60
CA VAL B 37 1.46 -23.73 -11.29
C VAL B 37 2.05 -23.50 -12.69
N ASN B 38 1.37 -22.75 -13.57
CA ASN B 38 1.95 -22.39 -14.87
C ASN B 38 2.77 -21.10 -14.87
N THR B 39 2.18 -20.01 -14.39
CA THR B 39 2.75 -18.66 -14.51
C THR B 39 2.74 -17.90 -13.18
N ALA B 40 3.65 -16.94 -13.02
CA ALA B 40 3.72 -16.09 -11.80
C ALA B 40 2.44 -15.31 -11.47
N ASP B 41 1.70 -14.93 -12.52
CA ASP B 41 0.40 -14.26 -12.36
C ASP B 41 -0.59 -15.09 -11.52
N GLN B 42 -0.50 -16.41 -11.63
CA GLN B 42 -1.36 -17.30 -10.88
C GLN B 42 -1.03 -17.28 -9.38
N CYS B 43 0.25 -17.17 -9.05
CA CYS B 43 0.64 -16.96 -7.64
C CYS B 43 0.08 -15.65 -7.11
N ALA B 44 0.11 -14.61 -7.94
CA ALA B 44 -0.32 -13.27 -7.55
C ALA B 44 -1.79 -13.26 -7.20
N ASN B 45 -2.60 -13.87 -8.07
CA ASN B 45 -4.05 -13.90 -7.88
C ASN B 45 -4.45 -14.57 -6.57
N ARG B 46 -3.81 -15.70 -6.26
CA ARG B 46 -4.11 -16.44 -5.05
C ARG B 46 -3.68 -15.67 -3.83
N CYS B 47 -2.57 -14.95 -3.94
CA CYS B 47 -2.08 -14.16 -2.84
C CYS B 47 -3.02 -12.97 -2.56
N THR B 48 -3.37 -12.23 -3.60
CA THR B 48 -4.24 -11.07 -3.51
C THR B 48 -5.58 -11.43 -2.88
N ARG B 49 -6.21 -12.47 -3.43
CA ARG B 49 -7.49 -12.96 -2.96
C ARG B 49 -7.39 -13.77 -1.65
N ASN B 50 -6.19 -14.30 -1.36
CA ASN B 50 -5.94 -15.10 -0.15
C ASN B 50 -6.82 -16.34 -0.06
N LYS B 51 -7.14 -16.95 -1.20
CA LYS B 51 -7.97 -18.16 -1.24
C LYS B 51 -7.16 -19.41 -0.88
N GLY B 52 -7.68 -20.18 0.08
CA GLY B 52 -7.08 -21.46 0.47
C GLY B 52 -5.69 -21.34 1.06
N LEU B 53 -5.41 -20.22 1.69
CA LEU B 53 -4.18 -20.08 2.47
C LEU B 53 -4.59 -19.95 3.93
N PRO B 54 -3.98 -20.77 4.81
CA PRO B 54 -4.29 -20.75 6.25
C PRO B 54 -3.61 -19.60 7.02
N PHE B 55 -3.43 -18.47 6.34
CA PHE B 55 -2.68 -17.33 6.86
C PHE B 55 -2.86 -16.13 5.92
N THR B 56 -2.35 -14.97 6.32
CA THR B 56 -2.37 -13.78 5.48
C THR B 56 -1.16 -13.81 4.56
N CYS B 57 -1.41 -13.75 3.25
CA CYS B 57 -0.35 -13.75 2.27
C CYS B 57 0.31 -12.39 2.18
N LYS B 58 1.53 -12.30 2.72
CA LYS B 58 2.27 -11.03 2.67
C LYS B 58 3.30 -10.97 1.54
N ALA B 59 3.58 -12.12 0.93
CA ALA B 59 4.58 -12.20 -0.14
C ALA B 59 4.47 -13.55 -0.79
N PHE B 60 4.98 -13.64 -2.01
CA PHE B 60 5.12 -14.93 -2.67
C PHE B 60 6.35 -14.95 -3.57
N VAL B 61 6.82 -16.16 -3.81
CA VAL B 61 7.90 -16.42 -4.75
C VAL B 61 7.39 -17.28 -5.91
N PHE B 62 7.76 -16.90 -7.13
CA PHE B 62 7.62 -17.79 -8.27
C PHE B 62 8.99 -18.40 -8.62
N ASP B 63 9.03 -19.73 -8.62
CA ASP B 63 10.18 -20.53 -9.01
C ASP B 63 9.96 -20.86 -10.47
N LYS B 64 10.73 -20.24 -11.35
CA LYS B 64 10.56 -20.41 -12.79
C LYS B 64 11.11 -21.75 -13.29
N ALA B 65 11.97 -22.41 -12.50
CA ALA B 65 12.51 -23.73 -12.89
C ALA B 65 11.59 -24.88 -12.46
N ARG B 66 11.00 -24.77 -11.27
CA ARG B 66 10.12 -25.82 -10.73
C ARG B 66 8.64 -25.50 -10.89
N LYS B 67 8.37 -24.34 -11.50
CA LYS B 67 7.01 -23.88 -11.78
C LYS B 67 6.14 -23.97 -10.53
N GLN B 68 6.64 -23.37 -9.45
CA GLN B 68 5.99 -23.42 -8.16
C GLN B 68 5.73 -22.02 -7.62
N CYS B 69 4.58 -21.84 -6.98
CA CYS B 69 4.36 -20.69 -6.08
C CYS B 69 4.74 -21.09 -4.66
N LEU B 70 5.37 -20.16 -3.97
CA LEU B 70 5.61 -20.24 -2.55
C LEU B 70 4.88 -19.04 -1.94
N TRP B 71 3.83 -19.29 -1.16
CA TRP B 71 3.12 -18.19 -0.49
C TRP B 71 3.55 -18.09 0.95
N PHE B 72 3.81 -16.85 1.41
CA PHE B 72 4.30 -16.60 2.77
C PHE B 72 3.44 -15.64 3.61
N PRO B 73 3.34 -15.94 4.92
CA PRO B 73 2.78 -15.02 5.92
C PRO B 73 3.83 -14.08 6.50
N PHE B 74 4.87 -13.81 5.70
CA PHE B 74 5.93 -12.91 6.11
C PHE B 74 6.48 -12.28 4.85
N ASN B 75 7.37 -11.30 5.01
CA ASN B 75 8.15 -10.81 3.88
C ASN B 75 9.63 -10.72 4.22
N SER B 76 10.41 -10.09 3.35
CA SER B 76 11.84 -9.95 3.53
C SER B 76 12.21 -9.11 4.77
N MET B 77 11.25 -8.37 5.33
CA MET B 77 11.50 -7.54 6.51
C MET B 77 11.19 -8.27 7.82
N SER B 78 10.53 -9.41 7.72
CA SER B 78 10.07 -10.14 8.89
C SER B 78 11.22 -10.76 9.68
N SER B 79 11.04 -10.84 11.00
CA SER B 79 12.05 -11.49 11.84
C SER B 79 12.06 -12.99 11.61
N GLY B 80 13.25 -13.58 11.61
CA GLY B 80 13.36 -15.02 11.40
C GLY B 80 13.26 -15.45 9.96
N VAL B 81 13.41 -14.50 9.03
CA VAL B 81 13.47 -14.85 7.62
C VAL B 81 14.64 -14.13 6.95
N LYS B 82 15.28 -14.79 5.99
CA LYS B 82 16.38 -14.19 5.25
C LYS B 82 16.18 -14.39 3.76
N LYS B 83 16.73 -13.47 2.97
CA LYS B 83 16.76 -13.62 1.52
C LYS B 83 17.71 -14.75 1.13
N GLU B 84 17.44 -15.37 -0.02
CA GLU B 84 18.36 -16.33 -0.64
C GLU B 84 18.43 -16.06 -2.13
N PHE B 85 19.64 -16.14 -2.68
CA PHE B 85 19.83 -15.97 -4.11
C PHE B 85 19.44 -17.23 -4.85
N GLY B 86 18.86 -17.03 -6.03
CA GLY B 86 18.59 -18.14 -6.94
C GLY B 86 18.17 -17.52 -8.25
N HIS B 87 18.87 -17.89 -9.33
CA HIS B 87 18.49 -17.41 -10.66
C HIS B 87 17.05 -17.73 -11.01
N GLU B 88 16.49 -18.77 -10.42
CA GLU B 88 15.15 -19.23 -10.82
C GLU B 88 13.99 -18.53 -10.09
N PHE B 89 14.31 -17.75 -9.04
CA PHE B 89 13.26 -17.19 -8.20
C PHE B 89 13.03 -15.73 -8.48
N ASP B 90 11.77 -15.29 -8.39
CA ASP B 90 11.45 -13.86 -8.26
C ASP B 90 10.57 -13.70 -7.02
N LEU B 91 10.89 -12.71 -6.20
CA LEU B 91 10.09 -12.40 -5.00
C LEU B 91 9.12 -11.29 -5.28
N TYR B 92 7.89 -11.45 -4.79
CA TYR B 92 6.84 -10.45 -4.92
C TYR B 92 6.27 -10.17 -3.56
N GLU B 93 6.43 -8.94 -3.11
CA GLU B 93 5.96 -8.57 -1.78
C GLU B 93 4.71 -7.72 -1.89
N ASN B 94 3.67 -8.15 -1.16
CA ASN B 94 2.40 -7.44 -1.06
C ASN B 94 2.63 -6.06 -0.44
N LYS B 95 2.31 -5.02 -1.20
CA LYS B 95 2.53 -3.63 -0.75
C LYS B 95 1.78 -3.27 0.52
N ASP B 96 0.69 -3.97 0.83
CA ASP B 96 -0.05 -3.75 2.09
C ASP B 96 0.76 -4.10 3.32
N TYR B 97 1.88 -4.79 3.14
CA TYR B 97 2.73 -5.17 4.28
C TYR B 97 4.14 -4.60 4.19
N ILE B 98 4.33 -3.65 3.26
CA ILE B 98 5.55 -2.87 3.20
C ILE B 98 5.23 -1.48 3.71
N ARG B 99 5.79 -1.10 4.86
CA ARG B 99 5.39 0.12 5.53
C ARG B 99 5.46 1.31 4.56
N ASN B 100 4.32 2.01 4.37
CA ASN B 100 4.22 3.08 3.36
C ASN B 100 4.32 4.47 3.99
N CYS B 101 4.74 4.52 5.24
CA CYS B 101 5.02 5.79 5.88
C CYS B 101 6.43 5.77 6.43
N ILE B 102 6.94 6.95 6.76
CA ILE B 102 8.31 7.11 7.20
C ILE B 102 8.46 7.23 8.73
N ILE B 103 9.50 6.58 9.25
CA ILE B 103 9.97 6.76 10.62
C ILE B 103 11.22 7.63 10.56
N GLY B 104 11.23 8.70 11.36
CA GLY B 104 12.35 9.64 11.41
C GLY B 104 12.58 10.32 10.09
N LYS B 105 13.77 10.12 9.55
CA LYS B 105 14.12 10.70 8.24
C LYS B 105 13.97 9.65 7.11
N GLY B 106 13.44 8.48 7.46
CA GLY B 106 13.15 7.45 6.46
C GLY B 106 14.36 6.71 5.91
N ARG B 107 15.40 6.60 6.72
CA ARG B 107 16.53 5.74 6.39
C ARG B 107 16.10 4.32 6.01
N SER B 108 15.09 3.81 6.71
CA SER B 108 14.64 2.42 6.55
C SER B 108 13.44 2.27 5.59
N TYR B 109 13.05 3.37 4.96
CA TYR B 109 11.94 3.33 4.00
C TYR B 109 12.21 2.36 2.84
N LYS B 110 11.26 1.44 2.63
CA LYS B 110 11.37 0.38 1.63
C LYS B 110 10.17 0.35 0.70
N GLY B 111 9.33 1.39 0.76
CA GLY B 111 8.12 1.47 -0.06
C GLY B 111 8.48 1.80 -1.49
N THR B 112 7.46 1.92 -2.33
CA THR B 112 7.71 1.97 -3.78
C THR B 112 7.38 3.33 -4.41
N VAL B 113 7.16 4.35 -3.58
CA VAL B 113 6.93 5.70 -4.12
C VAL B 113 8.14 6.08 -4.96
N SER B 114 7.89 6.52 -6.21
CA SER B 114 8.94 6.76 -7.19
C SER B 114 8.71 8.06 -7.98
N ILE B 115 8.03 9.01 -7.35
CA ILE B 115 7.77 10.33 -7.93
C ILE B 115 8.10 11.38 -6.87
N THR B 116 8.72 12.47 -7.30
CA THR B 116 9.09 13.55 -6.39
C THR B 116 7.87 14.40 -5.98
N LYS B 117 8.10 15.29 -5.02
CA LYS B 117 7.07 16.20 -4.50
C LYS B 117 6.36 17.03 -5.60
N SER B 118 7.11 17.45 -6.62
CA SER B 118 6.53 18.24 -7.71
C SER B 118 6.05 17.38 -8.88
N GLY B 119 5.99 16.06 -8.67
CA GLY B 119 5.41 15.17 -9.64
C GLY B 119 6.35 14.64 -10.71
N ILE B 120 7.66 14.74 -10.47
CA ILE B 120 8.64 14.24 -11.43
C ILE B 120 8.98 12.75 -11.21
N LYS B 121 8.88 11.94 -12.25
CA LYS B 121 9.26 10.53 -12.14
C LYS B 121 10.73 10.43 -11.79
N CYS B 122 11.04 9.68 -10.74
CA CYS B 122 12.41 9.44 -10.35
C CYS B 122 13.24 8.75 -11.42
N GLN B 123 14.53 9.12 -11.47
CA GLN B 123 15.59 8.42 -12.18
C GLN B 123 15.99 7.13 -11.44
N PRO B 124 16.24 6.03 -12.20
CA PRO B 124 16.74 4.81 -11.57
C PRO B 124 18.12 5.02 -10.95
N TRP B 125 18.29 4.47 -9.74
CA TRP B 125 19.59 4.47 -9.09
C TRP B 125 20.70 3.82 -9.95
N SER B 126 20.33 2.83 -10.75
CA SER B 126 21.31 2.14 -11.61
C SER B 126 21.70 2.95 -12.85
N SER B 127 21.02 4.07 -13.07
CA SER B 127 21.25 4.90 -14.23
C SER B 127 22.06 6.16 -13.93
N MET B 128 22.75 6.65 -14.96
CA MET B 128 23.52 7.88 -14.92
C MET B 128 22.89 8.90 -15.87
N ILE B 129 21.63 8.66 -16.20
CA ILE B 129 20.87 9.49 -17.12
C ILE B 129 19.52 9.89 -16.51
N PRO B 130 19.21 11.20 -16.44
CA PRO B 130 20.00 12.38 -16.82
C PRO B 130 21.22 12.69 -15.95
N HIS B 131 21.22 12.23 -14.69
CA HIS B 131 22.25 12.68 -13.74
C HIS B 131 23.29 11.63 -13.33
N GLU B 132 24.56 12.03 -13.40
CA GLU B 132 25.65 11.20 -12.91
C GLU B 132 25.74 11.36 -11.41
N HIS B 133 26.08 10.27 -10.72
CA HIS B 133 26.02 10.24 -9.27
C HIS B 133 26.76 9.02 -8.79
N SER B 134 27.04 8.97 -7.49
CA SER B 134 27.78 7.87 -6.93
C SER B 134 26.97 7.06 -5.93
N PHE B 135 25.64 7.21 -5.95
CA PHE B 135 24.72 6.38 -5.14
C PHE B 135 24.43 5.07 -5.85
N LEU B 136 25.52 4.36 -6.17
CA LEU B 136 25.44 3.05 -6.77
C LEU B 136 24.83 2.12 -5.75
N PRO B 137 23.83 1.30 -6.17
CA PRO B 137 23.22 0.32 -5.30
C PRO B 137 24.24 -0.51 -4.50
N SER B 138 25.28 -1.01 -5.17
CA SER B 138 26.30 -1.85 -4.52
C SER B 138 27.10 -1.12 -3.42
N SER B 139 27.25 0.19 -3.56
CA SER B 139 27.87 1.02 -2.52
C SER B 139 26.94 1.21 -1.32
N TYR B 140 25.65 0.98 -1.53
CA TYR B 140 24.66 1.31 -0.51
C TYR B 140 23.79 0.14 -0.12
N ARG B 141 24.43 -0.90 0.42
CA ARG B 141 23.73 -2.13 0.73
C ARG B 141 22.88 -1.93 1.99
N GLY B 142 21.72 -2.58 2.00
CA GLY B 142 20.75 -2.39 3.07
C GLY B 142 19.82 -1.21 2.83
N LYS B 143 20.19 -0.33 1.90
CA LYS B 143 19.43 0.89 1.63
C LYS B 143 18.43 0.76 0.48
N ASP B 144 18.41 -0.42 -0.15
CA ASP B 144 17.43 -0.79 -1.16
C ASP B 144 17.34 0.26 -2.27
N LEU B 145 18.49 0.58 -2.88
CA LEU B 145 18.53 1.57 -3.99
C LEU B 145 18.16 0.84 -5.27
N GLN B 146 16.88 0.46 -5.34
CA GLN B 146 16.38 -0.38 -6.42
C GLN B 146 15.39 0.41 -7.28
N GLU B 147 15.33 0.03 -8.56
CA GLU B 147 14.42 0.66 -9.50
C GLU B 147 14.68 2.16 -9.40
N ASN B 148 13.59 2.94 -9.29
CA ASN B 148 13.68 4.39 -9.12
C ASN B 148 12.94 4.85 -7.87
N TYR B 149 13.03 4.07 -6.79
CA TYR B 149 12.30 4.37 -5.59
C TYR B 149 12.96 5.52 -4.82
N CYS B 150 12.11 6.35 -4.23
CA CYS B 150 12.55 7.38 -3.29
C CYS B 150 13.21 6.72 -2.08
N ARG B 151 14.43 7.15 -1.78
CA ARG B 151 15.22 6.58 -0.70
C ARG B 151 16.01 7.68 0.00
N ASN B 152 16.41 7.45 1.24
CA ASN B 152 17.25 8.40 1.96
C ASN B 152 18.49 7.67 2.43
N PRO B 153 19.37 7.25 1.49
CA PRO B 153 20.46 6.32 1.83
C PRO B 153 21.45 6.84 2.88
N ARG B 154 21.66 8.16 2.94
CA ARG B 154 22.55 8.76 3.95
C ARG B 154 21.82 9.34 5.17
N GLY B 155 20.50 9.22 5.20
CA GLY B 155 19.70 9.66 6.34
C GLY B 155 19.72 11.17 6.57
N GLU B 156 19.70 11.92 5.48
CA GLU B 156 19.72 13.38 5.52
C GLU B 156 18.37 13.96 5.94
N GLU B 157 18.40 15.21 6.40
CA GLU B 157 17.25 15.89 6.99
C GLU B 157 15.96 15.86 6.16
N GLY B 158 16.10 15.87 4.84
CA GLY B 158 14.96 16.08 3.95
C GLY B 158 14.01 14.92 3.73
N GLY B 159 14.32 13.74 4.27
CA GLY B 159 13.52 12.54 4.01
C GLY B 159 13.91 11.90 2.69
N PRO B 160 13.24 10.79 2.31
CA PRO B 160 13.48 10.15 1.02
C PRO B 160 13.41 11.08 -0.18
N TRP B 161 14.31 10.84 -1.14
CA TRP B 161 14.46 11.69 -2.32
C TRP B 161 14.90 10.78 -3.46
N CYS B 162 15.07 11.36 -4.64
CA CYS B 162 15.66 10.64 -5.75
C CYS B 162 16.26 11.65 -6.70
N PHE B 163 17.21 11.19 -7.51
CA PHE B 163 17.55 11.92 -8.73
C PHE B 163 16.33 11.87 -9.62
N THR B 164 16.17 12.92 -10.43
CA THR B 164 14.93 13.21 -11.14
C THR B 164 15.14 12.90 -12.63
N SER B 165 14.08 12.52 -13.33
CA SER B 165 14.16 12.24 -14.78
C SER B 165 14.11 13.53 -15.63
N ASN B 166 13.91 14.66 -14.98
CA ASN B 166 14.02 15.97 -15.61
C ASN B 166 15.48 16.42 -15.50
N PRO B 167 16.16 16.57 -16.67
CA PRO B 167 17.54 17.03 -16.69
C PRO B 167 17.78 18.35 -15.97
N GLU B 168 16.75 19.19 -15.85
CA GLU B 168 16.93 20.49 -15.20
C GLU B 168 16.83 20.44 -13.67
N VAL B 169 16.41 19.28 -13.15
CA VAL B 169 16.28 19.11 -11.69
C VAL B 169 17.08 17.88 -11.26
N ARG B 170 18.28 18.12 -10.74
CA ARG B 170 19.16 17.01 -10.36
C ARG B 170 18.50 16.03 -9.39
N TYR B 171 17.90 16.56 -8.32
CA TYR B 171 17.26 15.73 -7.31
C TYR B 171 16.15 16.52 -6.61
N GLU B 172 15.16 15.80 -6.09
CA GLU B 172 14.09 16.40 -5.31
C GLU B 172 13.63 15.42 -4.23
N VAL B 173 13.18 15.95 -3.10
CA VAL B 173 12.57 15.14 -2.06
C VAL B 173 11.24 14.59 -2.54
N CYS B 174 10.87 13.45 -1.98
CA CYS B 174 9.57 12.87 -2.25
C CYS B 174 8.69 13.17 -1.06
N ASP B 175 7.40 13.18 -1.30
CA ASP B 175 6.36 13.61 -0.37
C ASP B 175 5.75 12.42 0.38
N ILE B 176 6.54 11.74 1.22
CA ILE B 176 6.03 10.52 1.87
C ILE B 176 5.70 10.84 3.34
N PRO B 177 4.48 10.49 3.78
CA PRO B 177 4.09 10.92 5.12
C PRO B 177 4.84 10.24 6.25
N GLN B 178 5.02 10.98 7.34
CA GLN B 178 5.52 10.45 8.59
C GLN B 178 4.46 9.49 9.13
N CYS B 179 4.87 8.33 9.64
CA CYS B 179 3.91 7.38 10.25
C CYS B 179 3.17 8.02 11.42
N SER B 180 3.90 8.76 12.26
CA SER B 180 3.31 9.35 13.47
C SER B 180 3.95 10.69 13.81
N GLU B 181 3.15 11.75 13.80
CA GLU B 181 3.63 13.10 14.13
C GLU B 181 2.44 13.91 14.62
N VAL B 182 2.39 14.09 15.94
CA VAL B 182 1.21 14.66 16.61
C VAL B 182 1.60 15.94 17.36
#